data_6SRN
#
_entry.id   6SRN
#
_cell.length_a   67.210
_cell.length_b   67.210
_cell.length_c   92.820
_cell.angle_alpha   90.000
_cell.angle_beta   90.000
_cell.angle_gamma   90.000
#
_symmetry.space_group_name_H-M   'P 41 21 2'
#
loop_
_entity.id
_entity.type
_entity.pdbx_description
1 polymer 'TetR family transcriptional regulator'
2 non-polymer '4-(Hydroxymethyl)-2-propylfuran-3-carboxylic acid'
3 non-polymer GLYCEROL
4 water water
#
_entity_poly.entity_id   1
_entity_poly.type   'polypeptide(L)'
_entity_poly.pdbx_seq_one_letter_code
;MTSAQQPTPFAVRSNVPRGPHPQQERSIKTRAQILEAASEIFASRGYRGASVKDVAERVGMTKGAVYFHFPSKESLAIAV
VEEHYARWPAAMEEIRIQGFTPLETVEEMLHRAAQAFRDDPVMQAGARLQSERASIDAELPLPYVDWTHLLEVPLQDARE
AGQLRAGVDPAAAARSLVAAFFGMQHVSDNLHQRADIMERWQELRELMFFALRA
;
_entity_poly.pdbx_strand_id   A
#
loop_
_chem_comp.id
_chem_comp.type
_chem_comp.name
_chem_comp.formula
GOL non-polymer GLYCEROL 'C3 H8 O3'
LUB non-polymer '4-(Hydroxymethyl)-2-propylfuran-3-carboxylic acid' 'C9 H14 O4'
#
# COMPACT_ATOMS: atom_id res chain seq x y z
N ILE A 28 10.14 -27.14 0.55
CA ILE A 28 10.97 -25.98 0.10
C ILE A 28 10.22 -24.65 0.22
N LYS A 29 10.98 -23.56 0.23
CA LYS A 29 10.37 -22.24 0.46
C LYS A 29 9.71 -21.68 -0.79
N THR A 30 8.59 -21.01 -0.60
CA THR A 30 7.85 -20.45 -1.71
C THR A 30 8.28 -19.01 -1.94
N ARG A 31 7.90 -18.50 -3.09
CA ARG A 31 8.15 -17.11 -3.44
C ARG A 31 7.58 -16.18 -2.39
N ALA A 32 6.35 -16.44 -1.99
CA ALA A 32 5.69 -15.66 -0.97
C ALA A 32 6.46 -15.65 0.35
N GLN A 33 7.01 -16.80 0.75
CA GLN A 33 7.82 -16.87 1.97
C GLN A 33 9.09 -16.05 1.87
N ILE A 34 9.73 -16.14 0.71
CA ILE A 34 10.93 -15.32 0.47
C ILE A 34 10.55 -13.84 0.51
N LEU A 35 9.46 -13.49 -0.15
CA LEU A 35 9.00 -12.10 -0.18
C LEU A 35 8.66 -11.60 1.22
N GLU A 36 8.09 -12.45 2.09
CA GLU A 36 7.77 -12.02 3.45
C GLU A 36 9.03 -11.73 4.26
N ALA A 37 10.02 -12.63 4.14
CA ALA A 37 11.31 -12.41 4.79
C ALA A 37 12.02 -11.16 4.29
N ALA A 38 11.99 -10.98 2.98
CA ALA A 38 12.58 -9.79 2.41
C ALA A 38 11.88 -8.53 2.93
N SER A 39 10.57 -8.62 3.04
CA SER A 39 9.78 -7.48 3.51
C SER A 39 10.16 -7.12 4.91
N GLU A 40 10.26 -8.12 5.77
CA GLU A 40 10.64 -7.88 7.14
C GLU A 40 11.96 -7.13 7.19
N ILE A 41 12.93 -7.57 6.41
CA ILE A 41 14.27 -6.95 6.43
C ILE A 41 14.28 -5.54 5.81
N PHE A 42 13.60 -5.39 4.71
CA PHE A 42 13.53 -4.05 4.09
C PHE A 42 12.80 -3.09 5.02
N ALA A 43 11.73 -3.54 5.66
CA ALA A 43 10.97 -2.64 6.56
C ALA A 43 11.80 -2.15 7.73
N SER A 44 12.66 -3.03 8.23
CA SER A 44 13.42 -2.72 9.41
C SER A 44 14.72 -2.00 9.09
N ARG A 45 15.32 -2.30 7.93
CA ARG A 45 16.67 -1.84 7.59
C ARG A 45 16.78 -0.90 6.40
N GLY A 46 15.72 -0.81 5.60
CA GLY A 46 15.75 -0.07 4.36
C GLY A 46 16.50 -0.84 3.30
N TYR A 47 16.51 -0.29 2.09
CA TYR A 47 17.15 -0.98 0.97
C TYR A 47 18.66 -1.15 1.15
N ARG A 48 19.34 -0.06 1.43
CA ARG A 48 20.80 -0.07 1.61
C ARG A 48 21.25 -1.12 2.62
N GLY A 49 20.58 -1.15 3.77
CA GLY A 49 20.95 -2.04 4.87
C GLY A 49 20.51 -3.48 4.73
N ALA A 50 19.58 -3.73 3.83
CA ALA A 50 19.15 -5.08 3.55
C ALA A 50 20.20 -5.76 2.66
N SER A 51 20.31 -7.06 2.75
CA SER A 51 21.13 -7.83 1.77
C SER A 51 20.41 -9.12 1.42
N VAL A 52 20.70 -9.64 0.23
CA VAL A 52 20.20 -10.94 -0.17
C VAL A 52 20.74 -12.02 0.77
N LYS A 53 21.97 -11.87 1.20
CA LYS A 53 22.53 -12.81 2.16
C LYS A 53 21.64 -12.93 3.41
N ASP A 54 21.16 -11.79 3.90
CA ASP A 54 20.40 -11.80 5.14
C ASP A 54 18.99 -12.34 4.91
N VAL A 55 18.40 -12.04 3.75
CA VAL A 55 17.13 -12.62 3.37
C VAL A 55 17.20 -14.15 3.27
N ALA A 56 18.22 -14.65 2.58
CA ALA A 56 18.46 -16.10 2.48
C ALA A 56 18.58 -16.76 3.85
N GLU A 57 19.35 -16.13 4.74
CA GLU A 57 19.51 -16.69 6.10
C GLU A 57 18.17 -16.72 6.85
N ARG A 58 17.42 -15.62 6.75
CA ARG A 58 16.14 -15.46 7.46
C ARG A 58 15.18 -16.54 7.00
N VAL A 59 15.15 -16.76 5.69
CA VAL A 59 14.13 -17.62 5.13
C VAL A 59 14.53 -19.08 5.11
N GLY A 60 15.82 -19.40 5.22
CA GLY A 60 16.29 -20.76 5.38
C GLY A 60 17.11 -21.34 4.24
N MET A 61 17.43 -20.52 3.25
CA MET A 61 17.94 -21.11 2.01
C MET A 61 19.27 -20.45 1.61
N THR A 62 19.98 -21.04 0.65
CA THR A 62 21.24 -20.43 0.16
C THR A 62 20.93 -19.21 -0.70
N LYS A 63 21.90 -18.32 -0.81
CA LYS A 63 21.74 -17.14 -1.71
C LYS A 63 21.44 -17.60 -3.13
N GLY A 64 22.18 -18.60 -3.62
CA GLY A 64 21.96 -19.10 -5.00
C GLY A 64 20.54 -19.59 -5.23
N ALA A 65 19.97 -20.25 -4.23
CA ALA A 65 18.57 -20.64 -4.33
C ALA A 65 17.58 -19.43 -4.34
N VAL A 66 17.85 -18.41 -3.50
CA VAL A 66 17.06 -17.20 -3.57
C VAL A 66 17.14 -16.49 -4.92
N TYR A 67 18.33 -16.43 -5.48
CA TYR A 67 18.55 -15.75 -6.77
C TYR A 67 17.78 -16.42 -7.91
N PHE A 68 17.45 -17.70 -7.77
CA PHE A 68 16.58 -18.35 -8.75
C PHE A 68 15.23 -17.63 -8.83
N HIS A 69 14.68 -17.29 -7.69
CA HIS A 69 13.39 -16.56 -7.66
C HIS A 69 13.54 -15.08 -7.96
N PHE A 70 14.60 -14.46 -7.43
CA PHE A 70 14.85 -13.01 -7.57
C PHE A 70 16.32 -12.80 -7.86
N PRO A 71 16.66 -12.54 -9.13
CA PRO A 71 18.08 -12.55 -9.50
C PRO A 71 18.97 -11.45 -8.91
N SER A 72 18.41 -10.43 -8.31
CA SER A 72 19.18 -9.40 -7.66
C SER A 72 18.37 -8.78 -6.54
N LYS A 73 19.07 -8.04 -5.71
CA LYS A 73 18.42 -7.26 -4.67
C LYS A 73 17.41 -6.28 -5.26
N GLU A 74 17.72 -5.73 -6.43
CA GLU A 74 16.82 -4.82 -7.10
C GLU A 74 15.50 -5.47 -7.46
N SER A 75 15.56 -6.66 -8.08
CA SER A 75 14.36 -7.38 -8.49
C SER A 75 13.57 -7.81 -7.25
N LEU A 76 14.23 -8.07 -6.15
CA LEU A 76 13.54 -8.42 -4.91
C LEU A 76 12.76 -7.21 -4.37
N ALA A 77 13.41 -6.05 -4.37
CA ALA A 77 12.74 -4.82 -3.99
C ALA A 77 11.53 -4.50 -4.90
N ILE A 78 11.72 -4.64 -6.21
CA ILE A 78 10.60 -4.45 -7.13
C ILE A 78 9.46 -5.39 -6.77
N ALA A 79 9.75 -6.68 -6.54
CA ALA A 79 8.66 -7.61 -6.27
C ALA A 79 7.87 -7.25 -4.98
N VAL A 80 8.57 -6.80 -3.96
CA VAL A 80 7.94 -6.36 -2.72
C VAL A 80 7.02 -5.18 -2.99
N VAL A 81 7.52 -4.16 -3.67
CA VAL A 81 6.67 -2.99 -3.97
C VAL A 81 5.47 -3.37 -4.83
N GLU A 82 5.71 -4.16 -5.87
CA GLU A 82 4.60 -4.58 -6.74
C GLU A 82 3.55 -5.34 -5.95
N GLU A 83 3.96 -6.20 -5.03
CA GLU A 83 3.02 -7.00 -4.30
C GLU A 83 2.17 -6.13 -3.39
N HIS A 84 2.79 -5.12 -2.78
CA HIS A 84 2.02 -4.29 -1.83
C HIS A 84 0.97 -3.45 -2.55
N TYR A 85 1.07 -3.32 -3.86
CA TYR A 85 -0.02 -2.75 -4.70
C TYR A 85 -0.98 -3.77 -5.27
N ALA A 86 -0.46 -4.90 -5.75
CA ALA A 86 -1.25 -5.83 -6.55
C ALA A 86 -2.29 -6.55 -5.74
N ARG A 87 -2.12 -6.61 -4.44
CA ARG A 87 -3.08 -7.23 -3.57
C ARG A 87 -4.48 -6.56 -3.43
N TRP A 88 -4.59 -5.32 -3.83
CA TRP A 88 -5.75 -4.49 -3.47
C TRP A 88 -6.99 -4.63 -4.35
N PRO A 89 -6.81 -4.85 -5.67
CA PRO A 89 -8.00 -5.13 -6.50
C PRO A 89 -8.87 -6.28 -5.97
N ALA A 90 -8.26 -7.38 -5.54
CA ALA A 90 -9.01 -8.49 -4.96
C ALA A 90 -9.79 -8.11 -3.70
N ALA A 91 -9.18 -7.24 -2.89
CA ALA A 91 -9.83 -6.75 -1.66
C ALA A 91 -11.04 -5.94 -2.05
N MET A 92 -10.92 -5.11 -3.09
CA MET A 92 -12.05 -4.29 -3.49
C MET A 92 -13.19 -5.14 -4.02
N GLU A 93 -12.85 -6.24 -4.72
CA GLU A 93 -13.84 -7.18 -5.19
C GLU A 93 -14.54 -7.87 -4.03
N GLU A 94 -13.78 -8.25 -3.01
CA GLU A 94 -14.37 -8.91 -1.83
C GLU A 94 -15.42 -7.97 -1.15
N ILE A 95 -15.09 -6.68 -1.10
CA ILE A 95 -15.99 -5.70 -0.50
C ILE A 95 -17.22 -5.45 -1.38
N ARG A 96 -16.99 -5.36 -2.67
CA ARG A 96 -18.05 -5.12 -3.62
C ARG A 96 -19.14 -6.17 -3.58
N ILE A 97 -18.73 -7.42 -3.57
CA ILE A 97 -19.72 -8.48 -3.63
C ILE A 97 -20.55 -8.58 -2.33
N GLN A 98 -20.17 -7.84 -1.31
CA GLN A 98 -21.00 -7.77 -0.10
C GLN A 98 -22.03 -6.66 -0.15
N GLY A 99 -22.06 -5.89 -1.22
CA GLY A 99 -23.10 -4.93 -1.42
C GLY A 99 -22.86 -3.61 -0.74
N PHE A 100 -21.61 -3.32 -0.39
CA PHE A 100 -21.32 -1.97 0.11
C PHE A 100 -21.51 -0.94 -1.02
N THR A 101 -22.01 0.23 -0.70
CA THR A 101 -22.18 1.33 -1.67
C THR A 101 -20.83 1.80 -2.21
N PRO A 102 -20.85 2.51 -3.33
CA PRO A 102 -19.57 2.97 -3.89
C PRO A 102 -18.70 3.73 -2.89
N LEU A 103 -19.25 4.68 -2.16
CA LEU A 103 -18.43 5.47 -1.25
C LEU A 103 -18.00 4.63 -0.03
N GLU A 104 -18.87 3.74 0.47
CA GLU A 104 -18.49 2.82 1.58
C GLU A 104 -17.39 1.87 1.16
N THR A 105 -17.33 1.52 -0.13
CA THR A 105 -16.28 0.65 -0.65
C THR A 105 -14.95 1.39 -0.55
N VAL A 106 -14.92 2.64 -0.98
CA VAL A 106 -13.70 3.47 -0.86
C VAL A 106 -13.29 3.59 0.63
N GLU A 107 -14.24 3.88 1.52
CA GLU A 107 -13.96 3.97 2.93
C GLU A 107 -13.34 2.69 3.48
N GLU A 108 -13.93 1.54 3.15
CA GLU A 108 -13.47 0.29 3.72
C GLU A 108 -12.10 -0.09 3.14
N MET A 109 -11.85 0.21 1.86
CA MET A 109 -10.51 -0.03 1.32
C MET A 109 -9.44 0.71 2.09
N LEU A 110 -9.71 1.99 2.41
CA LEU A 110 -8.72 2.81 3.10
C LEU A 110 -8.59 2.37 4.59
N HIS A 111 -9.68 1.95 5.20
CA HIS A 111 -9.62 1.31 6.53
C HIS A 111 -8.70 0.11 6.49
N ARG A 112 -8.89 -0.77 5.52
CA ARG A 112 -8.06 -1.94 5.42
C ARG A 112 -6.58 -1.58 5.12
N ALA A 113 -6.36 -0.57 4.27
CA ALA A 113 -4.98 -0.12 4.03
C ALA A 113 -4.35 0.35 5.29
N ALA A 114 -5.07 1.11 6.13
CA ALA A 114 -4.47 1.62 7.36
C ALA A 114 -4.04 0.51 8.31
N GLN A 115 -4.90 -0.52 8.47
CA GLN A 115 -4.58 -1.67 9.29
C GLN A 115 -3.39 -2.42 8.70
N ALA A 116 -3.34 -2.47 7.36
CA ALA A 116 -2.29 -3.26 6.72
C ALA A 116 -0.91 -2.57 6.86
N PHE A 117 -0.88 -1.24 6.68
CA PHE A 117 0.36 -0.53 6.98
C PHE A 117 0.74 -0.68 8.45
N ARG A 118 -0.25 -0.70 9.34
CA ARG A 118 0.02 -0.89 10.75
C ARG A 118 0.69 -2.23 11.07
N ASP A 119 0.27 -3.29 10.39
CA ASP A 119 0.56 -4.67 10.77
C ASP A 119 1.46 -5.48 9.84
N ASP A 120 1.44 -5.17 8.54
CA ASP A 120 1.89 -6.14 7.53
C ASP A 120 3.26 -5.74 6.99
N PRO A 121 4.29 -6.59 7.19
CA PRO A 121 5.58 -6.23 6.70
C PRO A 121 5.65 -5.90 5.22
N VAL A 122 4.87 -6.58 4.37
CA VAL A 122 4.95 -6.28 2.94
C VAL A 122 4.53 -4.82 2.66
N MET A 123 3.49 -4.36 3.37
CA MET A 123 3.08 -2.97 3.21
C MET A 123 4.10 -2.01 3.77
N GLN A 124 4.66 -2.33 4.92
CA GLN A 124 5.62 -1.45 5.52
C GLN A 124 6.86 -1.35 4.62
N ALA A 125 7.28 -2.47 4.07
CA ALA A 125 8.42 -2.51 3.19
C ALA A 125 8.16 -1.78 1.89
N GLY A 126 6.97 -2.00 1.33
CA GLY A 126 6.61 -1.30 0.08
C GLY A 126 6.70 0.19 0.26
N ALA A 127 6.15 0.69 1.35
CA ALA A 127 6.19 2.11 1.64
C ALA A 127 7.61 2.60 1.89
N ARG A 128 8.40 1.85 2.65
CA ARG A 128 9.75 2.29 2.91
C ARG A 128 10.59 2.31 1.66
N LEU A 129 10.48 1.28 0.82
CA LEU A 129 11.22 1.29 -0.45
C LEU A 129 10.83 2.47 -1.33
N GLN A 130 9.54 2.77 -1.42
CA GLN A 130 9.08 3.97 -2.18
C GLN A 130 9.53 5.28 -1.54
N SER A 131 9.67 5.31 -0.22
CA SER A 131 10.15 6.51 0.47
C SER A 131 11.56 6.83 0.06
N GLU A 132 12.34 5.76 -0.21
CA GLU A 132 13.72 5.77 -0.53
C GLU A 132 13.94 5.83 -2.03
N ARG A 133 12.88 6.00 -2.83
CA ARG A 133 13.04 5.83 -4.28
C ARG A 133 14.09 6.71 -4.95
N ALA A 134 14.27 7.96 -4.47
CA ALA A 134 15.23 8.89 -5.05
C ALA A 134 16.69 8.41 -4.91
N SER A 135 16.95 7.55 -3.93
CA SER A 135 18.29 6.97 -3.75
C SER A 135 18.32 5.42 -3.70
N ILE A 136 17.38 4.79 -4.40
CA ILE A 136 17.46 3.36 -4.69
C ILE A 136 17.63 3.30 -6.20
N ASP A 137 18.75 2.74 -6.64
CA ASP A 137 18.97 2.51 -8.04
C ASP A 137 18.24 1.20 -8.38
N ALA A 138 16.95 1.31 -8.54
CA ALA A 138 16.12 0.19 -9.06
C ALA A 138 14.88 0.79 -9.76
N GLU A 139 14.35 0.16 -10.83
CA GLU A 139 13.17 0.73 -11.46
C GLU A 139 11.91 0.28 -10.66
N LEU A 140 11.53 0.97 -9.57
CA LEU A 140 10.35 0.59 -8.83
C LEU A 140 9.12 1.16 -9.52
N PRO A 141 7.95 0.53 -9.35
CA PRO A 141 6.69 1.08 -9.89
C PRO A 141 6.47 2.54 -9.45
N LEU A 142 5.84 3.33 -10.30
CA LEU A 142 5.46 4.68 -9.87
C LEU A 142 4.55 4.58 -8.66
N PRO A 143 4.83 5.40 -7.63
CA PRO A 143 3.86 5.47 -6.51
C PRO A 143 2.55 6.15 -6.87
N TYR A 144 1.55 5.91 -6.05
CA TYR A 144 0.26 6.65 -5.97
C TYR A 144 -0.71 6.32 -7.11
N VAL A 145 -0.18 6.06 -8.31
CA VAL A 145 -1.03 5.96 -9.46
C VAL A 145 -1.93 4.70 -9.43
N ASP A 146 -1.46 3.59 -8.87
CA ASP A 146 -2.27 2.38 -8.81
C ASP A 146 -3.50 2.58 -7.90
N TRP A 147 -3.28 3.17 -6.73
CA TRP A 147 -4.37 3.40 -5.81
C TRP A 147 -5.31 4.47 -6.37
N THR A 148 -4.76 5.48 -7.04
CA THR A 148 -5.60 6.49 -7.63
C THR A 148 -6.55 5.89 -8.66
N HIS A 149 -6.01 5.07 -9.55
CA HIS A 149 -6.80 4.38 -10.57
C HIS A 149 -7.82 3.43 -9.95
N LEU A 150 -7.38 2.73 -8.91
CA LEU A 150 -8.26 1.81 -8.23
C LEU A 150 -9.49 2.49 -7.64
N LEU A 151 -9.30 3.59 -6.95
CA LEU A 151 -10.41 4.27 -6.24
C LEU A 151 -11.30 5.12 -7.16
N GLU A 152 -10.73 5.56 -8.27
CA GLU A 152 -11.51 6.40 -9.19
C GLU A 152 -12.81 5.70 -9.67
N VAL A 153 -12.75 4.39 -9.88
CA VAL A 153 -13.87 3.62 -10.38
C VAL A 153 -15.10 3.69 -9.46
N PRO A 154 -14.97 3.25 -8.18
CA PRO A 154 -16.12 3.47 -7.28
C PRO A 154 -16.51 4.91 -7.08
N LEU A 155 -15.56 5.84 -7.14
CA LEU A 155 -15.90 7.22 -7.02
C LEU A 155 -16.73 7.71 -8.22
N GLN A 156 -16.44 7.20 -9.42
CA GLN A 156 -17.31 7.48 -10.59
C GLN A 156 -18.70 6.95 -10.38
N ASP A 157 -18.80 5.74 -9.86
CA ASP A 157 -20.11 5.18 -9.57
C ASP A 157 -20.87 6.02 -8.54
N ALA A 158 -20.12 6.50 -7.52
CA ALA A 158 -20.73 7.32 -6.48
C ALA A 158 -21.30 8.59 -7.10
N ARG A 159 -20.54 9.19 -8.02
CA ARG A 159 -21.05 10.40 -8.71
C ARG A 159 -22.34 10.08 -9.48
N GLU A 160 -22.31 9.06 -10.31
CA GLU A 160 -23.48 8.69 -11.14
C GLU A 160 -24.69 8.32 -10.29
N ALA A 161 -24.42 7.74 -9.14
CA ALA A 161 -25.44 7.32 -8.20
C ALA A 161 -26.06 8.48 -7.43
N GLY A 162 -25.44 9.65 -7.43
CA GLY A 162 -25.91 10.75 -6.58
C GLY A 162 -25.42 10.70 -5.14
N GLN A 163 -24.39 9.89 -4.89
CA GLN A 163 -23.86 9.75 -3.54
C GLN A 163 -22.82 10.84 -3.22
N LEU A 164 -22.22 11.36 -4.28
CA LEU A 164 -21.07 12.26 -4.16
C LEU A 164 -21.61 13.69 -4.26
N ARG A 165 -21.19 14.58 -3.39
CA ARG A 165 -21.59 15.99 -3.43
C ARG A 165 -21.42 16.62 -4.83
N ALA A 166 -22.40 17.45 -5.19
CA ALA A 166 -22.44 18.09 -6.48
C ALA A 166 -21.19 18.89 -6.72
N GLY A 167 -20.62 18.68 -7.90
CA GLY A 167 -19.45 19.41 -8.33
C GLY A 167 -18.14 18.71 -8.01
N VAL A 168 -18.17 17.70 -7.13
CA VAL A 168 -16.96 16.95 -6.83
C VAL A 168 -16.57 16.07 -8.01
N ASP A 169 -15.36 16.24 -8.52
CA ASP A 169 -14.87 15.42 -9.61
C ASP A 169 -14.29 14.14 -9.06
N PRO A 170 -14.77 12.97 -9.54
CA PRO A 170 -14.22 11.69 -9.05
C PRO A 170 -12.70 11.54 -9.16
N ALA A 171 -12.08 11.99 -10.28
CA ALA A 171 -10.64 11.84 -10.46
C ALA A 171 -9.91 12.69 -9.42
N ALA A 172 -10.45 13.89 -9.18
CA ALA A 172 -9.86 14.77 -8.18
C ALA A 172 -10.00 14.21 -6.78
N ALA A 173 -11.15 13.64 -6.47
CA ALA A 173 -11.38 13.00 -5.18
C ALA A 173 -10.45 11.83 -4.96
N ALA A 174 -10.19 11.05 -6.00
CA ALA A 174 -9.32 9.91 -5.89
C ALA A 174 -7.91 10.44 -5.60
N ARG A 175 -7.43 11.40 -6.38
CA ARG A 175 -6.11 11.96 -6.09
C ARG A 175 -5.98 12.51 -4.68
N SER A 176 -6.98 13.26 -4.25
CA SER A 176 -6.97 13.91 -2.92
C SER A 176 -6.92 12.85 -1.81
N LEU A 177 -7.75 11.85 -1.96
CA LEU A 177 -7.81 10.76 -0.97
C LEU A 177 -6.47 10.02 -0.86
N VAL A 178 -5.90 9.69 -2.00
CA VAL A 178 -4.64 8.94 -1.99
C VAL A 178 -3.52 9.80 -1.39
N ALA A 179 -3.43 11.05 -1.82
CA ALA A 179 -2.37 11.92 -1.28
C ALA A 179 -2.55 12.16 0.21
N ALA A 180 -3.79 12.42 0.63
CA ALA A 180 -4.03 12.67 2.07
C ALA A 180 -3.74 11.43 2.92
N PHE A 181 -4.23 10.29 2.47
CA PHE A 181 -4.00 9.03 3.17
C PHE A 181 -2.48 8.74 3.21
N PHE A 182 -1.82 8.90 2.07
CA PHE A 182 -0.39 8.73 2.04
C PHE A 182 0.31 9.59 3.11
N GLY A 183 -0.09 10.86 3.16
CA GLY A 183 0.56 11.76 4.07
C GLY A 183 0.31 11.37 5.53
N MET A 184 -0.96 11.03 5.82
CA MET A 184 -1.34 10.59 7.17
C MET A 184 -0.50 9.39 7.62
N GLN A 185 -0.41 8.39 6.75
CA GLN A 185 0.30 7.17 7.17
C GLN A 185 1.80 7.45 7.32
N HIS A 186 2.34 8.32 6.46
CA HIS A 186 3.75 8.67 6.50
C HIS A 186 4.09 9.42 7.77
N VAL A 187 3.24 10.40 8.12
CA VAL A 187 3.48 11.09 9.36
C VAL A 187 3.44 10.13 10.54
N SER A 188 2.45 9.26 10.54
CA SER A 188 2.31 8.27 11.60
C SER A 188 3.53 7.36 11.67
N ASP A 189 4.07 6.94 10.54
CA ASP A 189 5.26 6.13 10.52
C ASP A 189 6.44 6.93 11.08
N ASN A 190 6.65 8.13 10.56
CA ASN A 190 7.84 8.89 10.89
C ASN A 190 7.89 9.21 12.38
N LEU A 191 6.75 9.66 12.93
CA LEU A 191 6.72 10.09 14.31
C LEU A 191 6.49 8.99 15.30
N HIS A 192 5.66 8.01 14.93
CA HIS A 192 5.14 7.04 15.89
C HIS A 192 5.17 5.61 15.45
N GLN A 193 5.90 5.29 14.39
CA GLN A 193 6.01 3.94 13.88
C GLN A 193 4.63 3.29 13.60
N ARG A 194 3.71 4.15 13.16
CA ARG A 194 2.33 3.82 12.82
C ARG A 194 1.47 3.32 13.98
N ALA A 195 1.91 3.53 15.21
CA ALA A 195 1.17 3.01 16.36
C ALA A 195 -0.23 3.67 16.48
N ASP A 196 -0.30 4.93 16.10
CA ASP A 196 -1.50 5.75 16.22
C ASP A 196 -2.22 5.92 14.88
N ILE A 197 -1.91 5.08 13.90
CA ILE A 197 -2.42 5.28 12.54
C ILE A 197 -3.94 5.28 12.48
N MET A 198 -4.59 4.41 13.24
CA MET A 198 -6.04 4.32 13.11
C MET A 198 -6.76 5.60 13.58
N GLU A 199 -6.26 6.19 14.68
CA GLU A 199 -6.81 7.44 15.17
C GLU A 199 -6.54 8.58 14.22
N ARG A 200 -5.33 8.61 13.66
CA ARG A 200 -4.96 9.70 12.74
C ARG A 200 -5.82 9.60 11.50
N TRP A 201 -6.03 8.38 10.99
CA TRP A 201 -6.93 8.20 9.83
C TRP A 201 -8.37 8.56 10.14
N GLN A 202 -8.85 8.16 11.31
CA GLN A 202 -10.23 8.51 11.67
C GLN A 202 -10.49 9.98 11.61
N GLU A 203 -9.58 10.77 12.19
CA GLU A 203 -9.88 12.20 12.27
C GLU A 203 -9.79 12.88 10.91
N LEU A 204 -8.90 12.42 10.05
CA LEU A 204 -8.78 13.00 8.72
C LEU A 204 -9.91 12.48 7.79
N ARG A 205 -10.18 11.18 7.81
CA ARG A 205 -11.27 10.55 7.05
C ARG A 205 -12.60 11.21 7.38
N GLU A 206 -12.82 11.56 8.63
CA GLU A 206 -14.09 12.21 8.98
C GLU A 206 -14.28 13.51 8.18
N LEU A 207 -13.22 14.28 8.06
CA LEU A 207 -13.30 15.50 7.27
C LEU A 207 -13.47 15.19 5.77
N MET A 208 -12.66 14.28 5.24
CA MET A 208 -12.69 14.02 3.79
C MET A 208 -14.01 13.48 3.39
N PHE A 209 -14.54 12.51 4.12
CA PHE A 209 -15.83 11.91 3.71
C PHE A 209 -17.01 12.82 4.00
N PHE A 210 -16.90 13.70 4.98
CA PHE A 210 -17.93 14.73 5.19
C PHE A 210 -18.04 15.60 3.95
N ALA A 211 -16.87 15.90 3.37
CA ALA A 211 -16.79 16.74 2.17
C ALA A 211 -17.18 16.01 0.88
N LEU A 212 -17.11 14.68 0.85
CA LEU A 212 -17.43 13.91 -0.35
C LEU A 212 -18.89 13.52 -0.41
N ARG A 213 -19.50 13.27 0.74
CA ARG A 213 -20.91 12.78 0.73
C ARG A 213 -21.92 13.84 0.36
N ALA A 214 -22.80 13.48 -0.56
CA ALA A 214 -23.97 14.28 -0.80
C ALA A 214 -24.82 14.25 0.47
C2 LUB B . 0.11 4.92 -0.37
C4 LUB B . 2.29 4.51 -0.53
C5 LUB B . 2.01 4.62 0.77
C6 LUB B . -1.28 5.41 -0.56
O11 LUB B . -0.15 4.73 -3.25
C9 LUB B . 1.00 4.70 -2.74
O10 LUB B . 2.06 4.68 -3.47
C3 LUB B . 1.18 4.76 -1.31
C12 LUB B . 3.67 4.02 -0.97
O13 LUB B . 4.20 4.95 -1.96
O1 LUB B . 0.66 5.01 0.91
C7 LUB B . -2.23 4.27 -0.17
C8 LUB B . -3.67 4.64 -0.39
C1 GOL C . 15.86 8.63 0.34
O1 GOL C . 16.62 8.62 -0.88
C2 GOL C . 16.55 7.81 1.43
O2 GOL C . 17.02 6.55 0.91
C3 GOL C . 15.61 7.59 2.61
O3 GOL C . 16.08 6.58 3.52
#